data_8ROV
#
_entry.id   8ROV
#
_cell.length_a   74.211
_cell.length_b   65.030
_cell.length_c   81.582
_cell.angle_alpha   90.000
_cell.angle_beta   100.610
_cell.angle_gamma   90.000
#
_symmetry.space_group_name_H-M   'I 1 2 1'
#
loop_
_entity.id
_entity.type
_entity.pdbx_description
1 polymer 'C-type lectin domain family 6 member A'
2 non-polymer 'CALCIUM ION'
3 non-polymer 'SODIUM ION'
4 non-polymer 'methyl alpha-D-mannopyranoside'
5 water water
#
_entity_poly.entity_id   1
_entity_poly.type   'polypeptide(L)'
_entity_poly.pdbx_seq_one_letter_code
;MANEIAALKQEIAALKKENAALKQGKLHFTYGETGKRLSELHSYHSSLTCFSEGTKVPAWGCCPASWKSFGSSCYFISSE
EKVWSKSEQNCVEMGAHLVVFNTEAEQNFIVQQLNESFSYFLGLSDPQGNNNWQWIDKTPYEKNVRFWHLGEPNHSAEQC
ASIVFWKPTGWGWNDVICETRRNSICEMNKIYL
;
_entity_poly.pdbx_strand_id   A,B
#
# COMPACT_ATOMS: atom_id res chain seq x y z
N SER A 46 6.21 8.16 -3.29
CA SER A 46 6.90 6.88 -3.22
C SER A 46 6.32 6.03 -2.09
N SER A 47 6.11 4.74 -2.36
CA SER A 47 5.30 3.92 -1.48
C SER A 47 5.84 2.49 -1.41
N LEU A 48 5.67 1.87 -0.24
CA LEU A 48 5.80 0.43 -0.05
C LEU A 48 4.50 -0.11 0.55
N THR A 49 4.22 -1.39 0.32
CA THR A 49 3.15 -2.06 1.02
C THR A 49 3.75 -3.15 1.90
N CYS A 50 3.22 -3.28 3.12
CA CYS A 50 3.86 -4.11 4.15
C CYS A 50 2.86 -5.08 4.75
N PHE A 51 3.31 -6.31 4.98
CA PHE A 51 2.50 -7.36 5.58
C PHE A 51 3.14 -7.83 6.89
N SER A 52 2.30 -7.98 7.93
CA SER A 52 2.72 -8.53 9.22
C SER A 52 3.48 -9.84 9.03
N GLU A 53 4.47 -10.07 9.91
CA GLU A 53 5.33 -11.25 9.82
C GLU A 53 5.23 -12.17 11.04
N GLY A 54 4.27 -11.96 11.92
CA GLY A 54 4.10 -12.86 13.06
C GLY A 54 5.16 -12.77 14.14
N PRO A 58 11.85 -9.17 13.73
CA PRO A 58 11.44 -8.60 12.44
C PRO A 58 9.92 -8.64 12.23
N ALA A 59 9.27 -7.48 12.24
CA ALA A 59 7.82 -7.43 12.34
C ALA A 59 7.10 -7.13 11.03
N TRP A 60 7.78 -6.60 10.02
CA TRP A 60 7.11 -6.33 8.74
C TRP A 60 8.01 -6.77 7.59
N GLY A 61 7.35 -7.20 6.51
CA GLY A 61 8.02 -7.47 5.25
C GLY A 61 7.30 -6.72 4.15
N CYS A 62 8.03 -6.01 3.29
CA CYS A 62 7.41 -5.05 2.39
C CYS A 62 7.93 -5.23 0.97
N CYS A 63 7.25 -4.58 0.05
CA CYS A 63 7.61 -4.55 -1.36
C CYS A 63 7.15 -3.20 -1.93
N PRO A 64 7.78 -2.74 -3.01
CA PRO A 64 7.31 -1.48 -3.62
C PRO A 64 5.89 -1.62 -4.13
N ALA A 65 5.15 -0.51 -4.09
CA ALA A 65 3.70 -0.60 -4.22
C ALA A 65 3.26 -1.24 -5.53
N SER A 66 3.98 -1.00 -6.62
CA SER A 66 3.53 -1.50 -7.92
C SER A 66 4.06 -2.89 -8.23
N TRP A 67 4.73 -3.54 -7.28
CA TRP A 67 5.23 -4.89 -7.46
C TRP A 67 4.20 -5.89 -6.94
N LYS A 68 4.62 -7.15 -6.82
CA LYS A 68 3.80 -8.27 -6.36
C LYS A 68 4.62 -9.10 -5.38
N SER A 69 3.95 -9.64 -4.36
CA SER A 69 4.61 -10.28 -3.22
C SER A 69 4.25 -11.76 -3.10
N PHE A 70 5.26 -12.58 -2.81
CA PHE A 70 5.06 -14.00 -2.55
C PHE A 70 6.32 -14.55 -1.90
N GLY A 71 6.14 -15.30 -0.82
CA GLY A 71 7.27 -15.85 -0.08
C GLY A 71 8.16 -14.73 0.43
N SER A 72 9.46 -14.87 0.17
CA SER A 72 10.46 -13.92 0.64
C SER A 72 10.98 -13.04 -0.49
N SER A 73 10.13 -12.74 -1.47
CA SER A 73 10.54 -11.97 -2.63
C SER A 73 9.43 -11.02 -3.09
N CYS A 74 9.82 -10.00 -3.87
CA CYS A 74 8.91 -9.17 -4.65
C CYS A 74 9.14 -9.42 -6.12
N TYR A 75 8.06 -9.35 -6.91
CA TYR A 75 8.15 -9.61 -8.34
C TYR A 75 7.53 -8.47 -9.13
N PHE A 76 8.05 -8.27 -10.34
CA PHE A 76 7.58 -7.24 -11.24
C PHE A 76 7.45 -7.85 -12.62
N ILE A 77 6.33 -7.62 -13.28
CA ILE A 77 6.05 -8.18 -14.61
C ILE A 77 6.13 -7.03 -15.61
N SER A 78 7.21 -6.98 -16.38
CA SER A 78 7.44 -5.92 -17.34
C SER A 78 6.79 -6.31 -18.66
N SER A 79 5.88 -5.48 -19.15
CA SER A 79 5.21 -5.70 -20.42
C SER A 79 5.83 -4.90 -21.57
N GLU A 80 7.09 -4.49 -21.42
CA GLU A 80 7.87 -4.01 -22.56
C GLU A 80 8.70 -5.17 -23.13
N GLU A 81 9.14 -5.03 -24.37
CA GLU A 81 9.86 -6.10 -25.06
C GLU A 81 11.31 -5.68 -25.24
N LYS A 82 12.23 -6.46 -24.67
CA LYS A 82 13.65 -6.23 -24.79
C LYS A 82 14.37 -7.55 -25.04
N VAL A 83 15.61 -7.44 -25.49
CA VAL A 83 16.50 -8.61 -25.63
C VAL A 83 16.82 -9.10 -24.22
N TRP A 84 17.44 -10.27 -24.11
CA TRP A 84 17.66 -10.81 -22.76
C TRP A 84 18.64 -9.95 -21.98
N SER A 85 19.68 -9.45 -22.63
CA SER A 85 20.68 -8.64 -21.93
C SER A 85 20.08 -7.34 -21.38
N LYS A 86 19.16 -6.71 -22.13
CA LYS A 86 18.56 -5.46 -21.67
C LYS A 86 17.43 -5.70 -20.67
N SER A 87 16.73 -6.84 -20.79
CA SER A 87 15.78 -7.21 -19.75
C SER A 87 16.48 -7.32 -18.40
N GLU A 88 17.64 -7.99 -18.37
CA GLU A 88 18.42 -8.06 -17.14
C GLU A 88 18.85 -6.67 -16.66
N GLN A 89 19.44 -5.86 -17.54
CA GLN A 89 19.87 -4.54 -17.10
C GLN A 89 18.71 -3.74 -16.55
N ASN A 90 17.52 -3.85 -17.16
CA ASN A 90 16.38 -3.11 -16.63
C ASN A 90 16.07 -3.52 -15.20
N CYS A 91 16.13 -4.83 -14.90
CA CYS A 91 15.91 -5.29 -13.52
C CYS A 91 16.98 -4.75 -12.59
N VAL A 92 18.25 -4.75 -13.03
CA VAL A 92 19.35 -4.24 -12.21
C VAL A 92 19.15 -2.77 -11.89
N GLU A 93 18.61 -2.00 -12.83
CA GLU A 93 18.39 -0.58 -12.57
C GLU A 93 17.29 -0.38 -11.54
N MET A 94 16.51 -1.41 -11.22
CA MET A 94 15.55 -1.36 -10.15
C MET A 94 16.04 -2.08 -8.90
N GLY A 95 17.31 -2.51 -8.89
CA GLY A 95 17.82 -3.28 -7.78
C GLY A 95 17.40 -4.73 -7.75
N ALA A 96 17.17 -5.34 -8.92
CA ALA A 96 16.68 -6.70 -9.00
C ALA A 96 17.45 -7.49 -10.08
N HIS A 97 17.09 -8.76 -10.23
CA HIS A 97 17.59 -9.56 -11.33
C HIS A 97 16.39 -10.24 -11.99
N LEU A 98 16.63 -10.81 -13.17
CA LEU A 98 15.65 -11.70 -13.76
C LEU A 98 15.34 -12.84 -12.79
N VAL A 99 14.15 -13.43 -12.93
CA VAL A 99 13.62 -14.32 -11.89
C VAL A 99 14.35 -15.66 -11.87
N VAL A 100 14.51 -16.22 -10.67
CA VAL A 100 15.00 -17.58 -10.46
C VAL A 100 13.88 -18.40 -9.84
N PHE A 101 13.52 -19.52 -10.47
CA PHE A 101 12.48 -20.40 -9.93
C PHE A 101 13.13 -21.45 -9.03
N ASN A 102 12.68 -21.53 -7.78
CA ASN A 102 13.27 -22.45 -6.82
C ASN A 102 12.34 -23.57 -6.36
N THR A 103 11.02 -23.37 -6.43
CA THR A 103 10.04 -24.42 -6.17
C THR A 103 8.91 -24.26 -7.16
N GLU A 104 7.99 -25.23 -7.17
CA GLU A 104 6.84 -25.15 -8.06
C GLU A 104 5.78 -24.16 -7.57
N ALA A 105 5.56 -24.11 -6.25
CA ALA A 105 4.61 -23.15 -5.70
C ALA A 105 4.91 -21.73 -6.17
N GLU A 106 6.19 -21.36 -6.21
CA GLU A 106 6.58 -20.04 -6.70
C GLU A 106 6.12 -19.83 -8.14
N GLN A 107 6.28 -20.84 -8.99
CA GLN A 107 5.88 -20.69 -10.39
C GLN A 107 4.36 -20.65 -10.52
N ASN A 108 3.65 -21.52 -9.79
CA ASN A 108 2.19 -21.43 -9.76
C ASN A 108 1.71 -20.01 -9.47
N PHE A 109 2.39 -19.33 -8.54
CA PHE A 109 2.02 -17.96 -8.23
C PHE A 109 2.27 -17.02 -9.41
N ILE A 110 3.40 -17.18 -10.11
CA ILE A 110 3.80 -16.15 -11.07
C ILE A 110 2.91 -16.20 -12.31
N VAL A 111 2.63 -17.40 -12.83
CA VAL A 111 1.91 -17.49 -14.09
C VAL A 111 0.46 -17.03 -13.99
N GLN A 112 -0.04 -16.80 -12.79
CA GLN A 112 -1.37 -16.20 -12.67
C GLN A 112 -1.34 -14.70 -12.82
N GLN A 113 -0.15 -14.10 -12.80
CA GLN A 113 0.01 -12.69 -13.10
C GLN A 113 0.33 -12.45 -14.58
N LEU A 114 0.46 -13.51 -15.38
CA LEU A 114 0.97 -13.42 -16.73
C LEU A 114 -0.13 -13.56 -17.77
N ASN A 115 0.10 -12.95 -18.94
CA ASN A 115 -0.81 -13.00 -20.07
C ASN A 115 -0.44 -14.18 -20.98
N GLU A 116 -1.39 -15.12 -21.15
CA GLU A 116 -1.12 -16.39 -21.83
C GLU A 116 -0.64 -16.21 -23.26
N SER A 117 -0.86 -15.05 -23.88
CA SER A 117 -0.44 -14.85 -25.26
C SER A 117 1.00 -14.38 -25.38
N PHE A 118 1.70 -14.21 -24.26
CA PHE A 118 3.04 -13.65 -24.24
C PHE A 118 4.02 -14.63 -23.59
N SER A 119 5.28 -14.57 -24.01
CA SER A 119 6.36 -15.32 -23.39
C SER A 119 7.28 -14.36 -22.63
N TYR A 120 7.96 -14.89 -21.62
CA TYR A 120 8.64 -14.07 -20.61
C TYR A 120 10.03 -14.64 -20.33
N PHE A 121 11.05 -13.78 -20.34
CA PHE A 121 12.43 -14.21 -20.08
C PHE A 121 12.64 -14.65 -18.63
N LEU A 122 13.56 -15.60 -18.44
CA LEU A 122 13.92 -16.10 -17.12
C LEU A 122 15.40 -15.84 -16.87
N GLY A 123 15.79 -15.90 -15.61
CA GLY A 123 17.18 -15.64 -15.28
C GLY A 123 18.09 -16.84 -15.46
N LEU A 124 17.98 -17.52 -16.62
CA LEU A 124 18.57 -18.85 -16.85
C LEU A 124 19.14 -18.91 -18.26
N SER A 125 20.45 -19.15 -18.38
CA SER A 125 21.08 -19.00 -19.69
C SER A 125 22.24 -20.00 -19.83
N ASP A 126 22.67 -20.21 -21.08
CA ASP A 126 23.67 -21.23 -21.46
C ASP A 126 24.72 -20.57 -22.35
N PRO A 127 25.65 -19.80 -21.74
CA PRO A 127 26.41 -18.83 -22.55
C PRO A 127 27.37 -19.44 -23.56
N GLN A 128 27.87 -20.65 -23.33
CA GLN A 128 28.79 -21.29 -24.27
C GLN A 128 28.10 -22.25 -25.22
N GLY A 129 26.78 -22.39 -25.14
CA GLY A 129 26.06 -23.23 -26.08
C GLY A 129 26.39 -24.70 -25.97
N ASN A 130 26.70 -25.19 -24.77
CA ASN A 130 27.05 -26.59 -24.55
C ASN A 130 26.19 -27.20 -23.45
N ASN A 131 24.97 -26.68 -23.29
CA ASN A 131 23.95 -27.21 -22.38
C ASN A 131 24.38 -27.17 -20.92
N ASN A 132 25.19 -26.17 -20.56
CA ASN A 132 25.59 -25.95 -19.16
C ASN A 132 24.79 -24.79 -18.56
N TRP A 133 23.46 -24.93 -18.58
CA TRP A 133 22.54 -23.90 -18.10
C TRP A 133 22.90 -23.42 -16.69
N GLN A 134 22.90 -22.10 -16.48
CA GLN A 134 23.24 -21.54 -15.18
C GLN A 134 22.23 -20.47 -14.77
N TRP A 135 22.02 -20.33 -13.46
CA TRP A 135 21.11 -19.30 -12.96
C TRP A 135 21.86 -17.99 -12.71
N ILE A 136 21.15 -16.89 -12.96
CA ILE A 136 21.70 -15.53 -12.86
C ILE A 136 22.28 -15.23 -11.48
N ASP A 137 21.82 -15.93 -10.43
CA ASP A 137 22.31 -15.74 -9.07
C ASP A 137 23.24 -16.86 -8.63
N LYS A 138 23.65 -17.74 -9.55
CA LYS A 138 24.60 -18.82 -9.32
C LYS A 138 24.01 -19.98 -8.50
N THR A 139 22.69 -20.08 -8.38
CA THR A 139 22.13 -21.24 -7.68
C THR A 139 22.26 -22.47 -8.57
N PRO A 140 22.59 -23.63 -8.00
CA PRO A 140 22.94 -24.79 -8.83
C PRO A 140 21.77 -25.25 -9.68
N TYR A 141 22.06 -25.55 -10.94
CA TYR A 141 21.01 -25.90 -11.89
C TYR A 141 20.51 -27.33 -11.72
N GLU A 142 21.36 -28.25 -11.26
CA GLU A 142 20.94 -29.65 -11.21
C GLU A 142 20.07 -29.95 -10.00
N LYS A 143 20.49 -29.51 -8.81
CA LYS A 143 19.74 -29.74 -7.58
C LYS A 143 18.63 -28.70 -7.42
N ASN A 144 17.75 -28.65 -8.41
CA ASN A 144 16.70 -27.64 -8.47
C ASN A 144 15.69 -28.07 -9.53
N VAL A 145 14.49 -27.45 -9.48
CA VAL A 145 13.44 -27.75 -10.44
C VAL A 145 13.90 -27.44 -11.87
N ARG A 146 13.19 -28.04 -12.83
CA ARG A 146 13.52 -27.90 -14.25
C ARG A 146 12.27 -28.06 -15.12
N PHE A 147 11.36 -27.10 -15.03
CA PHE A 147 10.05 -27.23 -15.68
C PHE A 147 10.09 -27.01 -17.18
N TRP A 148 11.00 -27.70 -17.88
CA TRP A 148 11.04 -27.59 -19.33
C TRP A 148 9.80 -28.23 -19.93
N HIS A 149 9.23 -27.59 -20.94
CA HIS A 149 8.18 -28.22 -21.72
C HIS A 149 8.64 -29.57 -22.29
N LEU A 150 7.67 -30.36 -22.72
CA LEU A 150 7.94 -31.56 -23.50
C LEU A 150 8.79 -31.24 -24.72
N GLY A 151 9.83 -32.05 -24.94
CA GLY A 151 10.71 -31.85 -26.07
C GLY A 151 11.56 -30.59 -26.01
N GLU A 152 11.91 -30.11 -24.83
CA GLU A 152 12.72 -28.90 -24.69
C GLU A 152 13.69 -29.10 -23.54
N PRO A 153 14.82 -28.36 -23.54
CA PRO A 153 15.33 -27.46 -24.58
C PRO A 153 15.90 -28.25 -25.77
N ASN A 154 16.21 -27.64 -26.92
CA ASN A 154 16.48 -28.43 -28.12
C ASN A 154 17.38 -27.76 -29.17
N HIS A 155 18.05 -26.64 -28.86
CA HIS A 155 18.97 -26.03 -29.83
C HIS A 155 20.16 -25.41 -29.10
N SER A 156 21.36 -25.79 -29.54
CA SER A 156 22.55 -25.19 -28.96
C SER A 156 22.57 -23.68 -29.18
N ALA A 157 22.03 -23.22 -30.31
CA ALA A 157 22.02 -21.80 -30.62
C ALA A 157 20.96 -21.02 -29.85
N GLU A 158 19.97 -21.69 -29.26
CA GLU A 158 18.94 -21.00 -28.47
C GLU A 158 19.42 -21.02 -27.02
N GLN A 159 20.05 -19.92 -26.60
CA GLN A 159 20.84 -19.93 -25.39
C GLN A 159 20.19 -19.21 -24.23
N CYS A 160 18.96 -18.72 -24.37
CA CYS A 160 18.18 -18.13 -23.28
C CYS A 160 16.90 -18.91 -23.01
N ALA A 161 16.38 -18.81 -21.80
CA ALA A 161 15.19 -19.54 -21.40
C ALA A 161 14.03 -18.58 -21.14
N SER A 162 12.82 -19.02 -21.49
CA SER A 162 11.60 -18.24 -21.33
C SER A 162 10.48 -19.16 -20.89
N ILE A 163 9.47 -18.58 -20.23
CA ILE A 163 8.26 -19.31 -19.85
C ILE A 163 7.14 -18.93 -20.82
N VAL A 164 6.36 -19.92 -21.24
CA VAL A 164 5.43 -19.73 -22.35
C VAL A 164 4.30 -20.74 -22.21
N PHE A 165 3.13 -20.39 -22.74
CA PHE A 165 1.91 -21.16 -22.57
C PHE A 165 1.61 -21.95 -23.83
N TRP A 166 1.66 -23.28 -23.72
CA TRP A 166 1.39 -24.19 -24.82
C TRP A 166 0.26 -25.13 -24.42
N LYS A 167 -0.82 -25.11 -25.18
CA LYS A 167 -1.80 -26.18 -25.04
C LYS A 167 -1.20 -27.48 -25.57
N PRO A 168 -1.40 -28.61 -24.87
CA PRO A 168 -2.20 -28.83 -23.67
C PRO A 168 -1.48 -28.63 -22.35
N THR A 169 -0.15 -28.67 -22.32
CA THR A 169 0.56 -28.66 -21.04
C THR A 169 0.25 -27.41 -20.22
N GLY A 170 0.18 -26.27 -20.88
CA GLY A 170 0.06 -25.00 -20.18
C GLY A 170 1.40 -24.28 -20.12
N TRP A 171 1.82 -23.89 -18.93
CA TRP A 171 3.04 -23.13 -18.77
C TRP A 171 4.23 -24.06 -18.58
N GLY A 172 5.36 -23.64 -19.14
CA GLY A 172 6.61 -24.36 -19.02
C GLY A 172 7.66 -23.58 -19.79
N TRP A 173 8.91 -24.03 -19.66
CA TRP A 173 10.06 -23.30 -20.18
C TRP A 173 10.40 -23.74 -21.59
N ASN A 174 11.02 -22.83 -22.34
CA ASN A 174 11.49 -23.09 -23.70
C ASN A 174 12.76 -22.26 -23.94
N ASP A 175 13.75 -22.88 -24.57
CA ASP A 175 15.00 -22.20 -24.91
C ASP A 175 14.86 -21.49 -26.26
N VAL A 176 15.43 -20.28 -26.34
CA VAL A 176 15.15 -19.33 -27.40
C VAL A 176 16.40 -18.48 -27.65
N ILE A 177 16.39 -17.76 -28.79
CA ILE A 177 17.48 -16.85 -29.13
C ILE A 177 17.46 -15.65 -28.19
N CYS A 178 18.60 -15.38 -27.55
CA CYS A 178 18.71 -14.30 -26.58
C CYS A 178 18.43 -12.94 -27.21
N GLU A 179 18.76 -12.77 -28.49
CA GLU A 179 18.62 -11.49 -29.17
C GLU A 179 17.22 -11.30 -29.76
N THR A 180 16.24 -12.08 -29.35
CA THR A 180 14.85 -11.78 -29.68
C THR A 180 14.23 -10.97 -28.53
N ARG A 181 13.25 -10.14 -28.85
CA ARG A 181 12.65 -9.22 -27.87
C ARG A 181 11.40 -9.84 -27.24
N ARG A 182 11.41 -9.98 -25.91
CA ARG A 182 10.26 -10.52 -25.19
C ARG A 182 10.03 -9.76 -23.90
N ASN A 183 8.95 -10.13 -23.21
CA ASN A 183 8.69 -9.64 -21.87
C ASN A 183 9.63 -10.32 -20.88
N SER A 184 9.55 -9.91 -19.61
CA SER A 184 10.46 -10.41 -18.60
C SER A 184 9.79 -10.32 -17.23
N ILE A 185 10.49 -10.83 -16.21
CA ILE A 185 9.98 -10.97 -14.86
C ILE A 185 11.16 -10.74 -13.93
N CYS A 186 11.06 -9.76 -13.04
CA CYS A 186 12.14 -9.43 -12.11
C CYS A 186 11.79 -9.97 -10.73
N GLU A 187 12.83 -10.27 -9.94
CA GLU A 187 12.68 -10.76 -8.58
C GLU A 187 13.71 -10.04 -7.73
N MET A 188 13.34 -9.76 -6.48
CA MET A 188 14.24 -9.16 -5.52
C MET A 188 13.82 -9.59 -4.12
N ASN A 189 14.79 -9.61 -3.20
CA ASN A 189 14.50 -9.87 -1.80
C ASN A 189 13.49 -8.87 -1.25
N LYS A 190 12.72 -9.31 -0.25
CA LYS A 190 11.84 -8.42 0.49
C LYS A 190 12.64 -7.46 1.36
N ILE A 191 12.18 -6.22 1.45
CA ILE A 191 12.65 -5.29 2.47
C ILE A 191 11.99 -5.64 3.79
N TYR A 192 12.78 -5.76 4.86
CA TYR A 192 12.25 -6.10 6.18
C TYR A 192 12.45 -4.94 7.14
N LEU A 193 11.41 -4.65 7.92
CA LEU A 193 11.40 -3.50 8.79
C LEU A 193 10.65 -3.79 10.09
N SER B 46 -3.79 -7.31 7.68
CA SER B 46 -2.42 -7.14 8.15
C SER B 46 -1.56 -6.42 7.12
N SER B 47 -1.91 -5.17 6.84
CA SER B 47 -1.28 -4.45 5.75
C SER B 47 -1.13 -2.98 6.08
N LEU B 48 0.10 -2.46 5.95
CA LEU B 48 0.40 -1.04 6.00
C LEU B 48 0.76 -0.55 4.61
N THR B 49 0.64 0.76 4.41
CA THR B 49 1.33 1.42 3.32
C THR B 49 2.31 2.41 3.92
N CYS B 50 3.48 2.53 3.30
CA CYS B 50 4.58 3.32 3.85
C CYS B 50 5.13 4.28 2.81
N PHE B 51 5.38 5.51 3.23
CA PHE B 51 5.92 6.55 2.37
C PHE B 51 7.34 6.91 2.82
N SER B 52 8.18 7.27 1.85
CA SER B 52 9.56 7.66 2.13
C SER B 52 9.63 8.92 2.99
N GLU B 53 10.60 8.94 3.91
CA GLU B 53 10.97 10.13 4.67
C GLU B 53 12.39 10.52 4.30
N GLY B 54 12.71 11.80 4.44
CA GLY B 54 14.00 12.33 4.04
C GLY B 54 15.23 11.78 4.74
N PRO B 58 14.92 7.93 10.65
CA PRO B 58 13.79 7.09 10.21
C PRO B 58 13.59 7.19 8.70
N ALA B 59 13.38 6.06 8.01
CA ALA B 59 13.27 6.06 6.57
C ALA B 59 11.85 5.85 6.04
N TRP B 60 10.88 5.53 6.90
CA TRP B 60 9.52 5.24 6.45
C TRP B 60 8.53 5.63 7.53
N GLY B 61 7.41 6.19 7.10
CA GLY B 61 6.28 6.44 7.99
C GLY B 61 5.04 5.80 7.38
N CYS B 62 4.25 5.15 8.22
CA CYS B 62 3.30 4.17 7.72
C CYS B 62 1.94 4.34 8.38
N CYS B 63 0.91 3.91 7.67
CA CYS B 63 -0.47 3.94 8.12
C CYS B 63 -1.17 2.70 7.60
N PRO B 64 -2.18 2.21 8.30
CA PRO B 64 -2.95 1.07 7.78
C PRO B 64 -3.52 1.39 6.41
N ALA B 65 -3.63 0.36 5.59
CA ALA B 65 -3.83 0.58 4.16
C ALA B 65 -5.16 1.26 3.86
N SER B 66 -6.17 1.05 4.70
CA SER B 66 -7.48 1.62 4.43
C SER B 66 -7.68 2.98 5.10
N TRP B 67 -6.63 3.56 5.67
CA TRP B 67 -6.67 4.88 6.28
C TRP B 67 -6.10 5.94 5.33
N LYS B 68 -5.86 7.15 5.85
CA LYS B 68 -5.38 8.29 5.07
C LYS B 68 -4.24 8.97 5.81
N SER B 69 -3.25 9.44 5.07
CA SER B 69 -1.98 9.90 5.61
C SER B 69 -1.75 11.38 5.33
N PHE B 70 -1.18 12.08 6.32
CA PHE B 70 -0.86 13.50 6.21
C PHE B 70 -0.15 14.00 7.46
N GLY B 71 0.97 14.69 7.27
CA GLY B 71 1.69 15.25 8.41
C GLY B 71 2.31 14.11 9.19
N SER B 72 2.12 14.10 10.51
CA SER B 72 2.60 13.00 11.31
C SER B 72 1.44 12.20 11.91
N SER B 73 0.42 11.91 11.08
CA SER B 73 -0.80 11.27 11.55
C SER B 73 -1.45 10.48 10.42
N CYS B 74 -2.15 9.40 10.80
CA CYS B 74 -3.10 8.68 9.95
C CYS B 74 -4.52 9.08 10.33
N TYR B 75 -5.45 8.96 9.36
CA TYR B 75 -6.85 9.32 9.59
C TYR B 75 -7.78 8.25 9.05
N PHE B 76 -8.96 8.15 9.66
CA PHE B 76 -10.02 7.29 9.17
C PHE B 76 -11.35 8.03 9.21
N ILE B 77 -12.13 7.92 8.12
CA ILE B 77 -13.42 8.58 7.99
C ILE B 77 -14.50 7.50 8.01
N SER B 78 -15.40 7.58 8.99
CA SER B 78 -16.41 6.54 9.21
C SER B 78 -17.73 7.01 8.61
N SER B 79 -18.30 6.20 7.71
CA SER B 79 -19.57 6.51 7.07
C SER B 79 -20.77 5.93 7.82
N GLU B 80 -20.56 5.27 8.96
CA GLU B 80 -21.65 4.88 9.84
C GLU B 80 -22.00 6.03 10.79
N GLU B 81 -23.19 5.94 11.39
CA GLU B 81 -23.74 7.03 12.19
C GLU B 81 -23.95 6.58 13.63
N LYS B 82 -23.35 7.30 14.58
CA LYS B 82 -23.39 6.96 15.99
C LYS B 82 -23.48 8.23 16.82
N VAL B 83 -23.87 8.05 18.09
CA VAL B 83 -23.84 9.16 19.05
C VAL B 83 -22.38 9.50 19.32
N TRP B 84 -22.11 10.60 20.02
CA TRP B 84 -20.73 11.03 20.14
C TRP B 84 -19.91 10.05 20.97
N SER B 85 -20.46 9.55 22.09
CA SER B 85 -19.70 8.66 22.94
C SER B 85 -19.37 7.33 22.25
N LYS B 86 -20.28 6.82 21.41
CA LYS B 86 -19.99 5.59 20.67
C LYS B 86 -19.13 5.86 19.43
N SER B 87 -19.15 7.09 18.90
CA SER B 87 -18.15 7.44 17.90
C SER B 87 -16.76 7.46 18.50
N GLU B 88 -16.62 7.99 19.72
CA GLU B 88 -15.32 7.93 20.40
C GLU B 88 -14.91 6.49 20.68
N GLN B 89 -15.89 5.64 21.02
CA GLN B 89 -15.61 4.24 21.29
C GLN B 89 -15.09 3.54 20.04
N ASN B 90 -15.73 3.80 18.89
CA ASN B 90 -15.29 3.10 17.70
C ASN B 90 -13.83 3.42 17.37
N CYS B 91 -13.44 4.70 17.47
CA CYS B 91 -12.04 5.09 17.24
C CYS B 91 -11.11 4.36 18.21
N VAL B 92 -11.41 4.44 19.52
CA VAL B 92 -10.60 3.77 20.53
C VAL B 92 -10.38 2.29 20.19
N GLU B 93 -11.41 1.62 19.69
CA GLU B 93 -11.23 0.20 19.37
C GLU B 93 -10.30 -0.03 18.18
N MET B 94 -10.00 1.02 17.42
CA MET B 94 -8.95 0.96 16.41
C MET B 94 -7.64 1.56 16.91
N GLY B 95 -7.57 1.90 18.19
CA GLY B 95 -6.37 2.51 18.73
C GLY B 95 -6.20 3.99 18.43
N ALA B 96 -7.29 4.74 18.27
CA ALA B 96 -7.23 6.16 17.92
C ALA B 96 -8.26 6.94 18.72
N HIS B 97 -8.34 8.24 18.46
CA HIS B 97 -9.34 9.11 19.06
C HIS B 97 -10.03 9.92 17.97
N LEU B 98 -11.15 10.56 18.35
CA LEU B 98 -11.76 11.53 17.46
C LEU B 98 -10.74 12.63 17.13
N VAL B 99 -10.87 13.20 15.94
CA VAL B 99 -9.80 14.04 15.40
C VAL B 99 -9.62 15.30 16.24
N VAL B 100 -8.37 15.78 16.31
CA VAL B 100 -8.00 17.05 16.91
C VAL B 100 -7.33 17.88 15.82
N PHE B 101 -7.90 19.04 15.52
CA PHE B 101 -7.33 19.94 14.51
C PHE B 101 -6.36 20.90 15.18
N ASN B 102 -5.12 20.92 14.69
CA ASN B 102 -4.09 21.74 15.32
C ASN B 102 -3.59 22.88 14.45
N THR B 103 -3.74 22.80 13.14
CA THR B 103 -3.49 23.93 12.25
C THR B 103 -4.53 23.92 11.15
N GLU B 104 -4.56 25.04 10.40
CA GLU B 104 -5.47 25.17 9.27
C GLU B 104 -5.09 24.22 8.13
N ALA B 105 -3.79 23.96 7.95
CA ALA B 105 -3.37 23.06 6.88
C ALA B 105 -3.97 21.67 7.05
N GLU B 106 -4.05 21.20 8.31
CA GLU B 106 -4.60 19.88 8.61
C GLU B 106 -6.06 19.78 8.21
N GLN B 107 -6.89 20.71 8.68
CA GLN B 107 -8.31 20.71 8.32
C GLN B 107 -8.50 20.72 6.81
N ASN B 108 -7.82 21.64 6.11
CA ASN B 108 -7.87 21.70 4.65
C ASN B 108 -7.68 20.33 4.00
N PHE B 109 -6.80 19.50 4.56
CA PHE B 109 -6.62 18.15 4.01
C PHE B 109 -7.79 17.25 4.35
N ILE B 110 -8.35 17.36 5.56
CA ILE B 110 -9.40 16.43 5.97
C ILE B 110 -10.67 16.67 5.16
N VAL B 111 -10.98 17.93 4.88
CA VAL B 111 -12.28 18.23 4.27
C VAL B 111 -12.38 17.69 2.84
N GLN B 112 -11.26 17.50 2.16
CA GLN B 112 -11.33 16.95 0.82
C GLN B 112 -11.61 15.46 0.81
N GLN B 113 -11.56 14.81 1.97
CA GLN B 113 -11.92 13.41 2.11
C GLN B 113 -13.37 13.21 2.51
N LEU B 114 -14.11 14.30 2.74
CA LEU B 114 -15.45 14.24 3.31
C LEU B 114 -16.53 14.44 2.26
N ASN B 115 -17.74 13.98 2.60
CA ASN B 115 -18.93 14.21 1.78
C ASN B 115 -19.74 15.37 2.37
N GLU B 116 -20.04 16.36 1.52
CA GLU B 116 -20.62 17.63 1.93
C GLU B 116 -22.07 17.54 2.40
N SER B 117 -22.75 16.43 2.17
CA SER B 117 -24.12 16.25 2.63
C SER B 117 -24.19 15.60 4.01
N PHE B 118 -23.04 15.44 4.67
CA PHE B 118 -22.97 14.84 5.99
C PHE B 118 -22.18 15.74 6.92
N SER B 119 -22.46 15.63 8.22
CA SER B 119 -21.68 16.34 9.23
C SER B 119 -20.87 15.32 10.02
N TYR B 120 -19.76 15.77 10.60
CA TYR B 120 -18.77 14.86 11.16
C TYR B 120 -18.36 15.30 12.57
N PHE B 121 -18.55 14.42 13.55
CA PHE B 121 -18.13 14.68 14.91
C PHE B 121 -16.62 14.89 15.03
N LEU B 122 -16.23 15.88 15.83
CA LEU B 122 -14.84 16.18 16.15
C LEU B 122 -14.58 15.81 17.59
N GLY B 123 -13.32 15.88 17.99
CA GLY B 123 -12.95 15.57 19.35
C GLY B 123 -12.96 16.77 20.27
N LEU B 124 -14.06 17.52 20.27
CA LEU B 124 -14.17 18.79 20.97
C LEU B 124 -15.54 18.89 21.65
N SER B 125 -15.55 19.01 22.98
CA SER B 125 -16.80 18.94 23.73
C SER B 125 -16.78 19.91 24.92
N ASP B 126 -17.96 20.10 25.52
CA ASP B 126 -18.20 21.07 26.60
C ASP B 126 -19.14 20.41 27.60
N PRO B 127 -18.63 19.45 28.38
CA PRO B 127 -19.54 18.52 29.08
C PRO B 127 -20.28 19.11 30.26
N GLN B 128 -20.02 20.37 30.65
CA GLN B 128 -20.80 21.07 31.66
C GLN B 128 -21.61 22.23 31.08
N GLY B 129 -21.72 22.32 29.75
CA GLY B 129 -22.55 23.34 29.14
C GLY B 129 -22.22 24.77 29.55
N ASN B 130 -20.97 25.04 29.87
CA ASN B 130 -20.57 26.38 30.31
C ASN B 130 -19.44 26.92 29.45
N ASN B 131 -19.45 26.54 28.17
CA ASN B 131 -18.51 27.02 27.13
C ASN B 131 -17.06 26.79 27.52
N ASN B 132 -16.79 25.71 28.24
CA ASN B 132 -15.43 25.32 28.58
C ASN B 132 -15.00 24.16 27.67
N TRP B 133 -14.86 24.49 26.39
CA TRP B 133 -14.61 23.51 25.36
C TRP B 133 -13.27 22.80 25.57
N GLN B 134 -13.27 21.47 25.48
CA GLN B 134 -12.06 20.69 25.71
C GLN B 134 -11.77 19.79 24.53
N TRP B 135 -10.48 19.66 24.19
CA TRP B 135 -10.05 18.66 23.22
C TRP B 135 -9.84 17.31 23.91
N ILE B 136 -10.19 16.24 23.20
CA ILE B 136 -10.20 14.88 23.75
C ILE B 136 -8.81 14.40 24.18
N ASP B 137 -7.74 15.08 23.75
CA ASP B 137 -6.38 14.74 24.13
C ASP B 137 -5.73 15.82 25.00
N LYS B 138 -6.53 16.69 25.59
CA LYS B 138 -6.06 17.71 26.53
C LYS B 138 -5.10 18.73 25.91
N THR B 139 -5.15 18.93 24.58
CA THR B 139 -4.32 20.07 24.21
C THR B 139 -5.13 21.36 24.31
N PRO B 140 -4.53 22.44 24.83
CA PRO B 140 -5.33 23.60 25.25
C PRO B 140 -6.23 24.14 24.15
N TYR B 141 -7.42 24.60 24.55
CA TYR B 141 -8.41 25.08 23.60
C TYR B 141 -8.15 26.51 23.17
N GLU B 142 -7.75 27.38 24.10
CA GLU B 142 -7.70 28.81 23.81
C GLU B 142 -6.48 29.18 22.95
N LYS B 143 -5.32 28.56 23.22
CA LYS B 143 -4.11 28.89 22.48
C LYS B 143 -4.08 28.30 21.08
N ASN B 144 -4.96 27.33 20.77
CA ASN B 144 -5.00 26.62 19.51
C ASN B 144 -6.09 27.23 18.61
N VAL B 145 -6.15 26.72 17.37
CA VAL B 145 -7.11 27.22 16.39
C VAL B 145 -8.55 26.94 16.83
N ARG B 146 -9.47 27.79 16.37
CA ARG B 146 -10.91 27.68 16.65
C ARG B 146 -11.64 28.13 15.39
N PHE B 147 -12.04 27.16 14.57
CA PHE B 147 -12.57 27.41 13.23
C PHE B 147 -14.10 27.38 13.21
N TRP B 148 -14.74 28.06 14.16
CA TRP B 148 -16.20 28.03 14.25
C TRP B 148 -16.83 28.75 13.06
N HIS B 149 -18.04 28.34 12.71
CA HIS B 149 -18.79 29.08 11.70
C HIS B 149 -19.18 30.45 12.24
N LEU B 150 -19.78 31.25 11.36
CA LEU B 150 -20.35 32.50 11.80
C LEU B 150 -21.51 32.22 12.74
N GLY B 151 -21.58 32.98 13.85
CA GLY B 151 -22.65 32.79 14.80
C GLY B 151 -22.67 31.46 15.52
N GLU B 152 -21.54 30.77 15.62
CA GLU B 152 -21.45 29.52 16.36
C GLU B 152 -20.25 29.57 17.30
N PRO B 153 -20.25 28.75 18.36
CA PRO B 153 -21.35 27.92 18.89
C PRO B 153 -22.48 28.80 19.47
N ASN B 154 -23.68 28.26 19.76
CA ASN B 154 -24.77 29.14 20.16
C ASN B 154 -25.81 28.55 21.08
N HIS B 155 -25.68 27.31 21.55
CA HIS B 155 -26.61 26.74 22.52
C HIS B 155 -25.84 25.97 23.58
N SER B 156 -26.26 26.16 24.83
CA SER B 156 -25.63 25.50 25.96
C SER B 156 -25.89 24.00 25.97
N ALA B 157 -27.08 23.56 25.52
CA ALA B 157 -27.42 22.14 25.49
C ALA B 157 -26.82 21.39 24.29
N GLU B 158 -26.12 22.06 23.39
CA GLU B 158 -25.44 21.44 22.25
C GLU B 158 -23.97 21.32 22.62
N GLN B 159 -23.61 20.19 23.22
CA GLN B 159 -22.34 20.08 23.94
C GLN B 159 -21.28 19.30 23.18
N CYS B 160 -21.51 19.02 21.89
CA CYS B 160 -20.50 18.37 21.05
C CYS B 160 -20.18 19.24 19.83
N ALA B 161 -18.99 19.07 19.29
CA ALA B 161 -18.58 19.82 18.11
C ALA B 161 -18.58 18.91 16.89
N SER B 162 -19.03 19.47 15.76
CA SER B 162 -19.08 18.78 14.49
C SER B 162 -18.57 19.73 13.41
N ILE B 163 -18.04 19.17 12.34
CA ILE B 163 -17.64 19.93 11.16
C ILE B 163 -18.67 19.65 10.06
N VAL B 164 -19.11 20.70 9.37
CA VAL B 164 -20.26 20.62 8.48
C VAL B 164 -20.06 21.67 7.39
N PHE B 165 -20.74 21.47 6.26
CA PHE B 165 -20.56 22.32 5.09
C PHE B 165 -21.82 23.16 4.91
N TRP B 166 -21.67 24.48 5.09
CA TRP B 166 -22.73 25.45 4.82
C TRP B 166 -22.24 26.41 3.75
N LYS B 167 -23.00 26.56 2.67
CA LYS B 167 -22.76 27.70 1.80
C LYS B 167 -23.29 28.96 2.48
N PRO B 168 -22.59 30.09 2.35
CA PRO B 168 -21.48 30.39 1.45
C PRO B 168 -20.08 30.24 2.03
N THR B 169 -19.91 29.79 3.27
CA THR B 169 -18.56 29.72 3.85
C THR B 169 -17.88 28.40 3.56
N GLY B 170 -18.64 27.31 3.51
CA GLY B 170 -18.07 25.99 3.32
C GLY B 170 -17.99 25.24 4.64
N TRP B 171 -16.83 24.67 4.93
CA TRP B 171 -16.68 23.84 6.11
C TRP B 171 -16.33 24.68 7.31
N GLY B 172 -16.83 24.25 8.46
CA GLY B 172 -16.58 24.93 9.71
C GLY B 172 -17.27 24.16 10.81
N TRP B 173 -16.99 24.58 12.04
CA TRP B 173 -17.46 23.86 13.22
C TRP B 173 -18.83 24.37 13.65
N ASN B 174 -19.72 23.44 13.98
CA ASN B 174 -21.02 23.73 14.60
C ASN B 174 -21.21 22.86 15.83
N ASP B 175 -21.74 23.44 16.91
CA ASP B 175 -22.03 22.67 18.11
C ASP B 175 -23.43 22.08 17.99
N VAL B 176 -23.59 20.85 18.49
CA VAL B 176 -24.79 20.04 18.27
C VAL B 176 -25.03 19.16 19.50
N ILE B 177 -26.21 18.54 19.55
CA ILE B 177 -26.54 17.60 20.63
C ILE B 177 -25.71 16.33 20.50
N CYS B 178 -25.10 15.90 21.62
CA CYS B 178 -24.21 14.75 21.61
C CYS B 178 -24.94 13.42 21.36
N GLU B 179 -26.26 13.37 21.53
CA GLU B 179 -27.03 12.13 21.44
C GLU B 179 -27.71 11.94 20.09
N THR B 180 -27.49 12.83 19.13
CA THR B 180 -27.93 12.60 17.76
C THR B 180 -26.79 11.94 16.99
N ARG B 181 -27.15 11.09 16.04
CA ARG B 181 -26.18 10.24 15.36
C ARG B 181 -25.60 10.91 14.12
N ARG B 182 -24.26 10.87 14.01
CA ARG B 182 -23.56 11.42 12.84
C ARG B 182 -22.36 10.55 12.51
N ASN B 183 -21.64 10.97 11.47
CA ASN B 183 -20.36 10.41 11.10
C ASN B 183 -19.25 10.93 12.03
N SER B 184 -18.05 10.38 11.85
CA SER B 184 -16.91 10.78 12.68
C SER B 184 -15.61 10.68 11.88
N ILE B 185 -14.53 11.17 12.49
CA ILE B 185 -13.19 11.20 11.94
C ILE B 185 -12.23 10.83 13.06
N CYS B 186 -11.36 9.85 12.83
CA CYS B 186 -10.34 9.47 13.82
C CYS B 186 -8.97 9.89 13.36
N GLU B 187 -8.06 9.98 14.33
CA GLU B 187 -6.67 10.33 14.10
C GLU B 187 -5.80 9.55 15.08
N MET B 188 -4.67 9.04 14.60
CA MET B 188 -3.65 8.44 15.45
C MET B 188 -2.28 8.73 14.84
N ASN B 189 -1.24 8.49 15.63
CA ASN B 189 0.13 8.73 15.18
C ASN B 189 0.49 7.81 14.01
N LYS B 190 1.46 8.26 13.21
CA LYS B 190 2.07 7.40 12.19
C LYS B 190 2.95 6.34 12.85
N ILE B 191 3.08 5.20 12.18
CA ILE B 191 4.05 4.16 12.52
C ILE B 191 5.34 4.45 11.75
N TYR B 192 6.47 4.53 12.45
CA TYR B 192 7.75 4.81 11.82
C TYR B 192 8.65 3.57 11.84
N LEU B 193 9.21 3.25 10.68
CA LEU B 193 9.95 2.01 10.50
C LEU B 193 11.26 2.22 9.73
#